data_4J5Q
#
_entry.id   4J5Q
#
_cell.length_a   63.315
_cell.length_b   75.372
_cell.length_c   35.000
_cell.angle_alpha   90.00
_cell.angle_beta   100.63
_cell.angle_gamma   90.00
#
_symmetry.space_group_name_H-M   'C 1 2 1'
#
loop_
_entity.id
_entity.type
_entity.pdbx_description
1 polymer 'O-acetyl-ADP-ribose deacetylase 1'
2 water water
#
_entity_poly.entity_id   1
_entity_poly.type   'polypeptide(L)'
_entity_poly.pdbx_seq_one_letter_code
;EDPEGSRITYVKGDLFACPKTDSLAHCISEDCRMGAGIAVLFKKKFGGVQELLNQQKKSGEVAVLKRDGRYIYYLITKKR
ASHKPTYENLQKSLEAMKSHCLKNGVTDLSMPRIGCGLDRLQWENVSAMIEEVFEATDIKITVYTL
;
_entity_poly.pdbx_strand_id   A
#
# COMPACT_ATOMS: atom_id res chain seq x y z
N GLU A 1 -25.86 -16.99 -10.95
CA GLU A 1 -25.02 -15.88 -11.54
C GLU A 1 -24.54 -14.89 -10.46
N ASP A 2 -23.30 -15.11 -9.98
CA ASP A 2 -22.79 -14.45 -8.76
C ASP A 2 -21.50 -13.70 -9.01
N PRO A 3 -21.61 -12.49 -9.54
CA PRO A 3 -20.42 -11.85 -10.08
C PRO A 3 -19.41 -11.41 -9.00
N GLU A 4 -18.20 -11.92 -9.06
CA GLU A 4 -17.13 -11.47 -8.15
C GLU A 4 -16.83 -9.98 -8.30
N GLY A 5 -16.86 -9.53 -9.56
CA GLY A 5 -16.44 -8.19 -9.90
C GLY A 5 -14.93 -8.10 -10.02
N SER A 6 -14.44 -6.97 -10.49
CA SER A 6 -12.99 -6.76 -10.63
C SER A 6 -12.32 -6.60 -9.29
N ARG A 7 -11.12 -7.17 -9.19
CA ARG A 7 -10.26 -6.99 -8.00
C ARG A 7 -9.91 -5.53 -7.81
N ILE A 8 -9.56 -4.87 -8.91
CA ILE A 8 -9.11 -3.50 -8.90
C ILE A 8 -10.13 -2.63 -9.69
N THR A 9 -10.55 -1.57 -9.02
CA THR A 9 -11.33 -0.51 -9.61
C THR A 9 -10.46 0.73 -9.71
N TYR A 10 -10.56 1.43 -10.83
CA TYR A 10 -9.75 2.63 -11.09
C TYR A 10 -10.63 3.87 -10.95
N VAL A 11 -10.17 4.86 -10.20
CA VAL A 11 -10.87 6.12 -10.00
C VAL A 11 -9.95 7.27 -10.29
N LYS A 12 -10.41 8.25 -11.06
CA LYS A 12 -9.71 9.50 -11.25
C LYS A 12 -10.21 10.39 -10.14
N GLY A 13 -9.33 10.76 -9.25
CA GLY A 13 -9.68 11.57 -8.14
C GLY A 13 -8.64 11.52 -7.04
N ASP A 14 -9.07 11.96 -5.87
CA ASP A 14 -8.26 12.21 -4.68
C ASP A 14 -8.35 10.99 -3.77
N LEU A 15 -7.26 10.28 -3.65
CA LEU A 15 -7.16 9.12 -2.80
C LEU A 15 -7.67 9.40 -1.40
N PHE A 16 -7.36 10.57 -0.87
CA PHE A 16 -7.70 10.89 0.51
C PHE A 16 -9.15 11.21 0.76
N ALA A 17 -9.95 11.26 -0.32
CA ALA A 17 -11.42 11.39 -0.27
C ALA A 17 -12.16 10.06 -0.39
N CYS A 18 -11.40 8.97 -0.30
CA CYS A 18 -11.97 7.62 -0.30
C CYS A 18 -12.83 7.45 0.97
N PRO A 19 -13.68 6.42 0.98
CA PRO A 19 -14.47 6.22 2.20
C PRO A 19 -13.58 6.17 3.46
N LYS A 20 -14.06 6.75 4.55
CA LYS A 20 -13.29 6.84 5.80
CA LYS A 20 -13.27 6.84 5.79
C LYS A 20 -13.05 5.45 6.41
N THR A 21 -13.88 4.49 6.01
CA THR A 21 -13.75 3.09 6.45
C THR A 21 -12.71 2.28 5.64
N ASP A 22 -12.29 2.77 4.48
CA ASP A 22 -11.28 2.05 3.68
C ASP A 22 -9.92 2.17 4.38
N SER A 23 -9.13 1.13 4.32
CA SER A 23 -7.71 1.25 4.67
C SER A 23 -6.98 1.78 3.43
N LEU A 24 -5.78 2.36 3.67
CA LEU A 24 -4.98 2.99 2.59
C LEU A 24 -3.61 2.36 2.55
N ALA A 25 -3.02 2.36 1.38
CA ALA A 25 -1.68 1.83 1.23
C ALA A 25 -0.88 2.70 0.28
N HIS A 26 0.45 2.74 0.53
CA HIS A 26 1.42 3.31 -0.42
C HIS A 26 2.76 2.75 -0.09
N CYS A 27 3.74 3.04 -0.94
CA CYS A 27 5.10 2.53 -0.78
CA CYS A 27 5.09 2.51 -0.75
C CYS A 27 6.09 3.55 -0.24
N ILE A 28 6.94 3.10 0.64
CA ILE A 28 8.01 3.88 1.21
C ILE A 28 9.29 3.07 1.31
N SER A 29 10.36 3.72 1.71
CA SER A 29 11.65 3.08 1.97
C SER A 29 11.81 2.80 3.43
N GLU A 30 12.81 1.97 3.76
CA GLU A 30 13.09 1.66 5.14
C GLU A 30 13.43 2.87 5.97
N ASP A 31 13.96 3.92 5.31
CA ASP A 31 14.27 5.14 6.02
C ASP A 31 13.07 5.98 6.49
N CYS A 32 11.86 5.62 6.05
CA CYS A 32 10.62 6.29 6.40
C CYS A 32 10.61 7.78 6.05
N ARG A 33 11.44 8.17 5.07
CA ARG A 33 11.44 9.52 4.57
C ARG A 33 10.28 9.63 3.58
N MET A 34 9.54 10.67 3.71
CA MET A 34 8.29 10.78 2.91
C MET A 34 8.30 12.18 2.31
N GLY A 35 9.36 12.48 1.58
CA GLY A 35 9.58 13.84 1.11
C GLY A 35 9.21 14.16 -0.31
N ALA A 36 8.72 13.18 -1.05
CA ALA A 36 8.37 13.35 -2.42
C ALA A 36 7.02 12.71 -2.72
N GLY A 37 6.37 13.21 -3.74
CA GLY A 37 5.16 12.62 -4.29
C GLY A 37 4.05 12.53 -3.27
N ILE A 38 3.23 11.51 -3.40
CA ILE A 38 2.04 11.33 -2.59
CA ILE A 38 2.05 11.36 -2.59
C ILE A 38 2.41 11.05 -1.14
N ALA A 39 3.62 10.52 -0.93
CA ALA A 39 4.03 10.25 0.42
C ALA A 39 3.99 11.51 1.32
N VAL A 40 4.30 12.70 0.76
CA VAL A 40 4.27 13.95 1.47
C VAL A 40 2.89 14.14 2.16
N LEU A 41 1.86 13.76 1.42
CA LEU A 41 0.49 13.89 1.90
CA LEU A 41 0.49 13.92 1.92
C LEU A 41 0.17 12.86 2.97
N PHE A 42 0.67 11.64 2.81
CA PHE A 42 0.53 10.64 3.87
C PHE A 42 1.17 11.14 5.15
N LYS A 43 2.37 11.71 5.04
CA LYS A 43 3.02 12.25 6.23
CA LYS A 43 3.03 12.26 6.23
C LYS A 43 2.20 13.36 6.91
N LYS A 44 1.68 14.30 6.11
CA LYS A 44 0.87 15.38 6.66
C LYS A 44 -0.42 14.91 7.32
N LYS A 45 -1.08 13.97 6.68
CA LYS A 45 -2.41 13.56 7.12
C LYS A 45 -2.36 12.55 8.27
N PHE A 46 -1.33 11.70 8.31
CA PHE A 46 -1.33 10.58 9.28
C PHE A 46 -0.13 10.59 10.21
N GLY A 47 0.93 11.32 9.86
CA GLY A 47 2.13 11.38 10.66
C GLY A 47 2.76 10.00 10.86
N GLY A 48 3.03 9.69 12.11
CA GLY A 48 3.54 8.39 12.48
C GLY A 48 4.98 8.09 12.17
N VAL A 49 5.82 9.07 11.82
CA VAL A 49 7.15 8.72 11.34
C VAL A 49 7.93 7.90 12.38
N GLN A 50 8.00 8.38 13.63
CA GLN A 50 8.79 7.59 14.60
C GLN A 50 8.12 6.25 14.92
N GLU A 51 6.81 6.23 14.97
CA GLU A 51 6.09 4.99 15.21
C GLU A 51 6.43 3.98 14.12
N LEU A 52 6.53 4.44 12.90
CA LEU A 52 6.87 3.55 11.78
C LEU A 52 8.32 3.08 11.94
N LEU A 53 9.27 3.99 12.17
CA LEU A 53 10.66 3.62 12.37
C LEU A 53 10.78 2.60 13.49
N ASN A 54 10.00 2.77 14.55
CA ASN A 54 10.13 1.84 15.68
C ASN A 54 9.74 0.42 15.38
N GLN A 55 8.91 0.23 14.36
CA GLN A 55 8.55 -1.12 13.91
C GLN A 55 9.72 -1.86 13.24
N GLN A 56 10.76 -1.14 12.87
CA GLN A 56 12.03 -1.73 12.33
C GLN A 56 11.75 -2.71 11.18
N LYS A 57 10.87 -2.29 10.29
CA LYS A 57 10.53 -3.10 9.13
C LYS A 57 11.57 -2.95 8.04
N LYS A 58 11.84 -4.03 7.34
CA LYS A 58 12.81 -4.08 6.25
CA LYS A 58 12.83 -4.07 6.27
C LYS A 58 12.15 -4.22 4.91
N SER A 59 12.88 -4.03 3.84
CA SER A 59 12.35 -4.20 2.48
C SER A 59 11.66 -5.54 2.36
N GLY A 60 10.47 -5.50 1.80
CA GLY A 60 9.64 -6.68 1.65
C GLY A 60 8.65 -6.91 2.78
N GLU A 61 8.61 -5.98 3.72
CA GLU A 61 7.72 -5.99 4.86
C GLU A 61 6.73 -4.84 4.75
N VAL A 62 5.82 -4.76 5.73
CA VAL A 62 4.86 -3.67 5.77
C VAL A 62 4.83 -3.10 7.18
N ALA A 63 4.89 -1.79 7.28
CA ALA A 63 4.69 -1.06 8.53
C ALA A 63 3.22 -0.57 8.50
N VAL A 64 2.62 -0.40 9.67
CA VAL A 64 1.21 -0.18 9.77
CA VAL A 64 1.22 -0.11 9.73
C VAL A 64 0.92 0.86 10.85
N LEU A 65 0.01 1.78 10.56
CA LEU A 65 -0.56 2.67 11.58
C LEU A 65 -2.07 2.44 11.62
N LYS A 66 -2.61 2.60 12.81
CA LYS A 66 -4.05 2.61 12.96
C LYS A 66 -4.43 4.07 13.10
N ARG A 67 -5.38 4.50 12.30
CA ARG A 67 -5.84 5.89 12.33
C ARG A 67 -7.36 5.83 12.12
N ASP A 68 -8.14 6.31 13.09
CA ASP A 68 -9.59 6.43 12.93
C ASP A 68 -10.28 5.13 12.54
N GLY A 69 -9.91 4.05 13.21
CA GLY A 69 -10.60 2.77 13.05
C GLY A 69 -10.25 2.01 11.78
N ARG A 70 -9.24 2.45 11.06
CA ARG A 70 -8.76 1.68 9.92
CA ARG A 70 -8.77 1.78 9.86
C ARG A 70 -7.26 1.81 9.83
N TYR A 71 -6.67 1.16 8.86
CA TYR A 71 -5.21 1.03 8.78
C TYR A 71 -4.67 1.79 7.65
N ILE A 72 -3.43 2.26 7.86
CA ILE A 72 -2.61 2.87 6.84
C ILE A 72 -1.37 1.98 6.71
N TYR A 73 -1.20 1.42 5.53
CA TYR A 73 -0.16 0.48 5.24
C TYR A 73 0.96 1.17 4.48
N TYR A 74 2.18 0.96 4.96
CA TYR A 74 3.43 1.51 4.45
C TYR A 74 4.22 0.33 3.92
N LEU A 75 4.13 0.07 2.64
CA LEU A 75 4.76 -1.04 2.01
C LEU A 75 6.23 -0.65 1.87
N ILE A 76 7.11 -1.38 2.55
CA ILE A 76 8.56 -1.05 2.60
C ILE A 76 9.20 -1.77 1.45
N THR A 77 9.47 -1.07 0.36
CA THR A 77 9.84 -1.74 -0.89
C THR A 77 11.32 -1.57 -1.29
N LYS A 78 12.08 -0.81 -0.51
CA LYS A 78 13.49 -0.63 -0.75
CA LYS A 78 13.46 -0.47 -0.82
C LYS A 78 14.11 0.05 0.44
N LYS A 79 15.44 0.11 0.47
CA LYS A 79 16.14 0.60 1.66
CA LYS A 79 16.17 0.60 1.64
C LYS A 79 16.11 2.11 1.84
N ARG A 80 16.28 2.84 0.76
CA ARG A 80 16.41 4.29 0.82
C ARG A 80 15.57 4.91 -0.24
N ALA A 81 15.20 6.16 0.03
CA ALA A 81 14.27 6.86 -0.80
C ALA A 81 14.83 7.04 -2.23
N SER A 82 16.15 7.19 -2.36
CA SER A 82 16.75 7.39 -3.68
C SER A 82 16.93 6.10 -4.47
N HIS A 83 16.65 4.97 -3.86
CA HIS A 83 16.80 3.68 -4.52
C HIS A 83 15.58 3.37 -5.36
N LYS A 84 15.66 2.29 -6.14
CA LYS A 84 14.54 1.78 -6.91
C LYS A 84 14.09 0.42 -6.29
N PRO A 85 12.77 0.13 -6.24
CA PRO A 85 12.28 -1.15 -5.65
C PRO A 85 12.40 -2.28 -6.60
N THR A 86 12.53 -3.50 -6.07
CA THR A 86 12.43 -4.68 -6.89
C THR A 86 10.95 -5.10 -6.87
N TYR A 87 10.54 -5.76 -7.93
CA TYR A 87 9.27 -6.46 -7.91
C TYR A 87 9.21 -7.50 -6.80
N GLU A 88 10.35 -8.11 -6.47
CA GLU A 88 10.35 -9.16 -5.50
C GLU A 88 10.00 -8.60 -4.10
N ASN A 89 10.52 -7.43 -3.78
CA ASN A 89 10.21 -6.84 -2.50
C ASN A 89 8.80 -6.28 -2.49
N LEU A 90 8.35 -5.68 -3.60
CA LEU A 90 6.97 -5.23 -3.68
C LEU A 90 6.01 -6.41 -3.40
N GLN A 91 6.26 -7.56 -4.05
CA GLN A 91 5.38 -8.71 -3.84
C GLN A 91 5.35 -9.13 -2.38
N LYS A 92 6.53 -9.20 -1.77
CA LYS A 92 6.59 -9.60 -0.36
C LYS A 92 5.82 -8.63 0.53
N SER A 93 5.94 -7.34 0.26
CA SER A 93 5.26 -6.35 1.05
CA SER A 93 5.25 -6.36 1.08
C SER A 93 3.73 -6.46 0.87
N LEU A 94 3.31 -6.69 -0.38
CA LEU A 94 1.87 -6.88 -0.62
C LEU A 94 1.35 -8.11 0.08
N GLU A 95 2.09 -9.20 0.06
CA GLU A 95 1.68 -10.40 0.80
CA GLU A 95 1.67 -10.40 0.80
C GLU A 95 1.56 -10.12 2.29
N ALA A 96 2.52 -9.35 2.83
CA ALA A 96 2.47 -8.99 4.22
C ALA A 96 1.18 -8.17 4.53
N MET A 97 0.90 -7.19 3.70
CA MET A 97 -0.31 -6.39 3.82
C MET A 97 -1.55 -7.27 3.77
N LYS A 98 -1.59 -8.17 2.78
CA LYS A 98 -2.74 -9.08 2.68
C LYS A 98 -2.93 -9.85 4.00
N SER A 99 -1.87 -10.41 4.54
CA SER A 99 -2.05 -11.22 5.72
CA SER A 99 -1.96 -11.21 5.76
C SER A 99 -2.52 -10.39 6.90
N HIS A 100 -2.08 -9.14 7.00
CA HIS A 100 -2.60 -8.25 8.05
C HIS A 100 -4.08 -7.93 7.82
N CYS A 101 -4.43 -7.63 6.57
CA CYS A 101 -5.84 -7.38 6.23
C CYS A 101 -6.74 -8.51 6.66
N LEU A 102 -6.33 -9.72 6.31
CA LEU A 102 -7.14 -10.85 6.64
C LEU A 102 -7.28 -11.06 8.14
N LYS A 103 -6.20 -10.81 8.87
CA LYS A 103 -6.20 -11.02 10.35
C LYS A 103 -7.08 -9.97 11.04
N ASN A 104 -7.19 -8.79 10.43
CA ASN A 104 -7.79 -7.62 11.09
C ASN A 104 -9.08 -7.16 10.44
N GLY A 105 -9.64 -7.98 9.55
CA GLY A 105 -10.95 -7.70 9.02
C GLY A 105 -11.08 -6.61 7.97
N VAL A 106 -9.98 -6.29 7.32
CA VAL A 106 -9.95 -5.25 6.29
C VAL A 106 -10.40 -5.87 5.00
N THR A 107 -11.45 -5.29 4.40
CA THR A 107 -11.97 -5.74 3.14
C THR A 107 -11.88 -4.76 1.98
N ASP A 108 -11.46 -3.53 2.27
CA ASP A 108 -11.42 -2.49 1.21
C ASP A 108 -10.16 -1.66 1.40
N LEU A 109 -9.41 -1.59 0.34
CA LEU A 109 -8.17 -0.82 0.31
C LEU A 109 -8.23 0.20 -0.78
N SER A 110 -7.65 1.36 -0.53
CA SER A 110 -7.43 2.37 -1.55
C SER A 110 -5.94 2.73 -1.60
N MET A 111 -5.45 2.96 -2.82
CA MET A 111 -4.02 3.21 -2.99
C MET A 111 -3.82 4.02 -4.27
N PRO A 112 -2.64 4.64 -4.43
CA PRO A 112 -2.23 5.19 -5.70
C PRO A 112 -1.76 4.06 -6.61
N ARG A 113 -1.21 4.38 -7.76
CA ARG A 113 -0.52 3.41 -8.62
C ARG A 113 0.86 3.07 -8.05
N ILE A 114 0.80 2.22 -7.03
CA ILE A 114 1.97 1.88 -6.26
C ILE A 114 3.12 1.36 -7.11
N GLY A 115 4.33 1.79 -6.78
CA GLY A 115 5.57 1.40 -7.43
C GLY A 115 5.86 2.17 -8.73
N CYS A 116 4.89 2.93 -9.25
CA CYS A 116 4.95 3.43 -10.58
C CYS A 116 5.16 4.98 -10.53
N GLY A 117 5.37 5.59 -11.65
CA GLY A 117 6.03 6.92 -11.60
C GLY A 117 7.51 6.87 -11.18
N LEU A 118 7.87 7.40 -10.00
CA LEU A 118 9.32 7.57 -9.58
C LEU A 118 10.02 6.28 -9.17
N ASP A 119 9.27 5.32 -8.61
CA ASP A 119 9.82 4.00 -8.34
C ASP A 119 10.03 3.18 -9.66
N ARG A 120 9.49 3.68 -10.80
CA ARG A 120 9.86 3.22 -12.19
C ARG A 120 9.51 1.75 -12.51
N LEU A 121 8.56 1.18 -11.78
CA LEU A 121 8.02 -0.12 -12.14
C LEU A 121 6.92 0.10 -13.17
N GLN A 122 6.50 -0.99 -13.81
CA GLN A 122 5.47 -0.92 -14.84
C GLN A 122 4.11 -1.33 -14.27
N TRP A 123 3.06 -0.52 -14.47
CA TRP A 123 1.75 -0.77 -13.88
C TRP A 123 1.19 -2.10 -14.28
N GLU A 124 1.42 -2.52 -15.53
CA GLU A 124 0.84 -3.81 -15.94
C GLU A 124 1.36 -4.96 -15.08
N ASN A 125 2.60 -4.83 -14.64
CA ASN A 125 3.19 -5.87 -13.75
C ASN A 125 2.64 -5.76 -12.36
N VAL A 126 2.47 -4.55 -11.87
CA VAL A 126 2.01 -4.36 -10.49
C VAL A 126 0.55 -4.76 -10.38
N SER A 127 -0.30 -4.38 -11.33
CA SER A 127 -1.67 -4.79 -11.28
C SER A 127 -1.82 -6.32 -11.34
N ALA A 128 -1.01 -6.98 -12.19
CA ALA A 128 -1.06 -8.43 -12.21
C ALA A 128 -0.65 -9.03 -10.87
N MET A 129 0.39 -8.43 -10.27
CA MET A 129 0.85 -8.89 -8.96
C MET A 129 -0.22 -8.73 -7.89
N ILE A 130 -0.88 -7.59 -7.86
CA ILE A 130 -1.97 -7.37 -6.92
C ILE A 130 -3.06 -8.42 -7.12
N GLU A 131 -3.42 -8.70 -8.37
CA GLU A 131 -4.41 -9.68 -8.63
C GLU A 131 -4.00 -11.06 -8.06
N GLU A 132 -2.75 -11.44 -8.26
CA GLU A 132 -2.25 -12.72 -7.80
CA GLU A 132 -2.27 -12.74 -7.77
C GLU A 132 -2.24 -12.79 -6.28
N VAL A 133 -1.76 -11.72 -5.66
CA VAL A 133 -1.64 -11.73 -4.20
C VAL A 133 -3.00 -11.82 -3.52
N PHE A 134 -3.98 -11.12 -4.05
CA PHE A 134 -5.29 -11.02 -3.40
C PHE A 134 -6.33 -12.03 -3.92
N GLU A 135 -5.96 -12.87 -4.88
N GLU A 135 -5.91 -12.93 -4.81
CA GLU A 135 -6.84 -13.96 -5.33
CA GLU A 135 -6.82 -13.83 -5.57
C GLU A 135 -7.26 -14.82 -4.15
C GLU A 135 -7.81 -14.61 -4.74
N ALA A 136 -8.53 -15.22 -4.16
N ALA A 136 -7.40 -15.12 -3.58
CA ALA A 136 -9.12 -16.01 -3.09
CA ALA A 136 -8.27 -15.98 -2.78
C ALA A 136 -9.34 -15.26 -1.77
C ALA A 136 -9.11 -15.25 -1.70
N THR A 137 -9.21 -13.93 -1.80
CA THR A 137 -9.73 -13.06 -0.74
C THR A 137 -10.92 -12.28 -1.24
N ASP A 138 -11.62 -11.65 -0.31
CA ASP A 138 -12.68 -10.75 -0.73
C ASP A 138 -12.26 -9.28 -0.51
N ILE A 139 -10.96 -9.03 -0.58
CA ILE A 139 -10.43 -7.68 -0.45
C ILE A 139 -10.44 -7.00 -1.79
N LYS A 140 -11.16 -5.85 -1.84
CA LYS A 140 -11.24 -5.08 -3.08
C LYS A 140 -10.29 -3.89 -2.99
N ILE A 141 -9.73 -3.54 -4.12
CA ILE A 141 -8.72 -2.48 -4.22
C ILE A 141 -9.26 -1.40 -5.16
N THR A 142 -9.17 -0.17 -4.70
CA THR A 142 -9.43 0.99 -5.55
C THR A 142 -8.09 1.75 -5.75
N VAL A 143 -7.73 1.96 -7.01
CA VAL A 143 -6.50 2.62 -7.39
C VAL A 143 -6.86 4.00 -7.91
N TYR A 144 -6.32 5.03 -7.27
CA TYR A 144 -6.57 6.44 -7.58
C TYR A 144 -5.48 7.08 -8.36
N THR A 145 -5.83 7.84 -9.38
CA THR A 145 -4.92 8.64 -10.16
C THR A 145 -5.53 10.06 -10.22
N LEU A 146 -4.73 11.09 -10.00
CA LEU A 146 -5.25 12.47 -10.09
C LEU A 146 -5.60 12.84 -11.52
#